data_3V51
#
_entry.id   3V51
#
_cell.length_a   48.317
_cell.length_b   72.619
_cell.length_c   67.356
_cell.angle_alpha   90.000
_cell.angle_beta   103.900
_cell.angle_gamma   90.000
#
_symmetry.space_group_name_H-M   'P 1 21 1'
#
loop_
_entity.id
_entity.type
_entity.pdbx_description
1 polymer 'Calmodulin-domain protein kinase 1'
2 non-polymer 3-{6-[(3-chlorobenzyl)oxy]naphthalen-2-yl}-1-(propan-2-yl)-1H-pyrazolo[3,4-d]pyrimidin-4-amine
3 water water
#
_entity_poly.entity_id   1
_entity_poly.type   'polypeptide(L)'
_entity_poly.pdbx_seq_one_letter_code
;GPGSMMDHLHATPGMFVQHSTAIFSDRYKGQRVLGKGSFGEVILCKDKITGQECAVKVISKRQVKQKTDKESLLREVQLL
KQLDHPNIMKLYEFFEDKGYFYLVGEVYTGGELFDEIISRKRFSEVDAARIIRQVLSGITYMHKNKIVHRDLKPENLLLE
SKSKDANIRIIDFGLSTHFEASKKMKDKIGTAYYIAPEVLHGTYDEKCDVWSTGVILYILLSGCPPFNGANEYDILKKVE
KGKYTFELPQWKKVSESAKDLIRKMLTYVPSMRISARDALDHEWIQTYTKEQISVDVPSLDNAILNIRQFQGTQKLAQAA
LLYMGSKLTSQDETKELTAIFHKMDKNGDGQLDRAELIEGYKELMRMKGQDASMLDASAVEHEVDQVLDAVDFDKNGYIE
YSEFVTVAMDRKTLLSRERLERAFRMFDSDNSGKISSTELATIFGVSDVDSETWKSVLSEVDKNNDGEVDFDEFQQMLLK
LCGN
;
_entity_poly.pdbx_strand_id   A
#
loop_
_chem_comp.id
_chem_comp.type
_chem_comp.name
_chem_comp.formula
I76 non-polymer 3-{6-[(3-chlorobenzyl)oxy]naphthalen-2-yl}-1-(propan-2-yl)-1H-pyrazolo[3,4-d]pyrimidin-4-amine 'C25 H22 Cl N5 O'
#
# COMPACT_ATOMS: atom_id res chain seq x y z
N SER A 20 -12.84 -24.47 -22.13
CA SER A 20 -12.00 -23.25 -22.29
C SER A 20 -11.79 -22.51 -20.97
N THR A 21 -10.62 -21.91 -20.79
CA THR A 21 -10.30 -21.12 -19.59
C THR A 21 -11.16 -19.86 -19.53
N ALA A 22 -11.70 -19.55 -18.34
CA ALA A 22 -12.55 -18.36 -18.15
C ALA A 22 -11.69 -17.09 -18.18
N ILE A 23 -12.21 -16.02 -18.80
CA ILE A 23 -11.42 -14.78 -18.97
C ILE A 23 -11.94 -13.67 -18.09
N PHE A 24 -11.01 -13.03 -17.37
CA PHE A 24 -11.38 -12.06 -16.35
C PHE A 24 -12.29 -10.95 -16.92
N SER A 25 -11.89 -10.37 -18.05
CA SER A 25 -12.62 -9.24 -18.65
C SER A 25 -13.89 -9.63 -19.40
N ASP A 26 -14.17 -10.92 -19.55
CA ASP A 26 -15.47 -11.36 -20.02
C ASP A 26 -16.51 -11.16 -18.93
N ARG A 27 -16.07 -11.29 -17.67
CA ARG A 27 -16.96 -11.25 -16.54
C ARG A 27 -17.03 -9.90 -15.81
N TYR A 28 -15.91 -9.17 -15.79
CA TYR A 28 -15.77 -7.98 -14.93
C TYR A 28 -15.33 -6.76 -15.75
N LYS A 29 -15.88 -5.60 -15.45
CA LYS A 29 -15.43 -4.30 -16.01
C LYS A 29 -14.84 -3.48 -14.88
N GLY A 30 -13.74 -2.78 -15.17
CA GLY A 30 -13.11 -1.87 -14.21
C GLY A 30 -13.91 -0.60 -13.97
N GLN A 31 -14.14 -0.24 -12.70
CA GLN A 31 -14.83 1.01 -12.34
C GLN A 31 -13.82 2.13 -12.15
N ARG A 32 -12.85 1.91 -11.26
CA ARG A 32 -11.82 2.88 -10.91
C ARG A 32 -10.71 2.19 -10.10
N VAL A 33 -9.60 2.87 -9.89
CA VAL A 33 -8.50 2.34 -9.09
C VAL A 33 -8.75 2.59 -7.61
N LEU A 34 -8.66 1.54 -6.80
CA LEU A 34 -8.83 1.66 -5.34
C LEU A 34 -7.52 2.02 -4.68
N GLY A 35 -6.42 1.52 -5.24
CA GLY A 35 -5.08 1.82 -4.73
C GLY A 35 -4.01 0.80 -5.07
N LYS A 36 -2.86 0.95 -4.46
CA LYS A 36 -1.71 0.09 -4.68
C LYS A 36 -1.48 -0.64 -3.39
N GLY A 37 -1.37 -1.96 -3.44
CA GLY A 37 -1.07 -2.73 -2.27
C GLY A 37 0.10 -3.63 -2.56
N SER A 38 0.41 -4.50 -1.61
CA SER A 38 1.43 -5.50 -1.82
C SER A 38 1.08 -6.32 -3.05
N PHE A 39 2.10 -6.50 -3.90
CA PHE A 39 2.07 -7.36 -5.07
C PHE A 39 1.34 -6.78 -6.28
N GLY A 40 0.57 -5.72 -6.11
CA GLY A 40 -0.01 -5.05 -7.27
C GLY A 40 -1.09 -4.02 -7.01
N GLU A 41 -1.64 -3.51 -8.10
CA GLU A 41 -2.73 -2.53 -8.04
C GLU A 41 -4.04 -3.21 -7.74
N VAL A 42 -4.96 -2.43 -7.17
CA VAL A 42 -6.27 -2.93 -6.80
C VAL A 42 -7.30 -2.04 -7.45
N ILE A 43 -8.18 -2.66 -8.22
CA ILE A 43 -9.12 -1.97 -9.07
C ILE A 43 -10.51 -2.33 -8.57
N LEU A 44 -11.40 -1.34 -8.45
CA LEU A 44 -12.81 -1.59 -8.17
C LEU A 44 -13.43 -2.05 -9.48
N CYS A 45 -14.00 -3.25 -9.46
CA CYS A 45 -14.60 -3.88 -10.64
C CYS A 45 -16.04 -4.28 -10.36
N LYS A 46 -16.75 -4.57 -11.43
CA LYS A 46 -18.16 -4.84 -11.33
C LYS A 46 -18.50 -5.96 -12.30
N ASP A 47 -19.23 -6.97 -11.81
CA ASP A 47 -19.67 -8.09 -12.63
C ASP A 47 -20.59 -7.57 -13.72
N LYS A 48 -20.34 -7.94 -14.97
CA LYS A 48 -21.10 -7.40 -16.11
C LYS A 48 -22.53 -7.93 -16.22
N ILE A 49 -22.85 -9.01 -15.51
CA ILE A 49 -24.20 -9.57 -15.53
C ILE A 49 -24.97 -9.25 -14.26
N THR A 50 -24.35 -9.51 -13.11
CA THR A 50 -25.02 -9.42 -11.83
C THR A 50 -24.89 -8.06 -11.13
N GLY A 51 -24.00 -7.20 -11.61
CA GLY A 51 -23.72 -5.92 -10.93
C GLY A 51 -22.87 -5.98 -9.67
N GLN A 52 -22.49 -7.19 -9.23
CA GLN A 52 -21.73 -7.36 -7.99
C GLN A 52 -20.42 -6.57 -8.09
N GLU A 53 -20.15 -5.74 -7.09
CA GLU A 53 -18.91 -4.96 -7.06
C GLU A 53 -17.84 -5.77 -6.31
N CYS A 54 -16.59 -5.61 -6.73
CA CYS A 54 -15.49 -6.34 -6.11
CA CYS A 54 -15.48 -6.39 -6.17
C CYS A 54 -14.17 -5.59 -6.21
N ALA A 55 -13.21 -5.97 -5.36
CA ALA A 55 -11.87 -5.37 -5.33
C ALA A 55 -10.92 -6.40 -5.91
N VAL A 56 -10.33 -6.08 -7.05
CA VAL A 56 -9.49 -7.04 -7.76
C VAL A 56 -8.04 -6.65 -7.64
N LYS A 57 -7.26 -7.46 -6.93
CA LYS A 57 -5.82 -7.28 -6.91
C LYS A 57 -5.24 -7.89 -8.16
N VAL A 58 -4.51 -7.09 -8.93
CA VAL A 58 -3.96 -7.53 -10.19
C VAL A 58 -2.45 -7.67 -10.03
N ILE A 59 -1.97 -8.91 -10.10
CA ILE A 59 -0.53 -9.17 -10.00
C ILE A 59 0.09 -9.38 -11.38
N SER A 60 1.10 -8.58 -11.69
CA SER A 60 1.85 -8.73 -12.94
C SER A 60 2.98 -9.76 -12.82
N LYS A 61 2.96 -10.76 -13.69
CA LYS A 61 3.98 -11.84 -13.67
C LYS A 61 5.40 -11.36 -13.97
N ARG A 62 5.52 -10.31 -14.78
CA ARG A 62 6.81 -9.71 -15.10
C ARG A 62 7.48 -9.11 -13.86
N GLN A 63 6.67 -8.62 -12.94
CA GLN A 63 7.14 -7.84 -11.80
C GLN A 63 7.16 -8.66 -10.51
N VAL A 64 6.38 -9.73 -10.46
CA VAL A 64 6.27 -10.56 -9.26
C VAL A 64 6.48 -12.03 -9.62
N LYS A 65 7.45 -12.64 -8.95
CA LYS A 65 7.80 -14.03 -9.17
C LYS A 65 7.02 -14.88 -8.20
N GLN A 66 6.60 -16.07 -8.66
CA GLN A 66 5.94 -17.05 -7.81
C GLN A 66 6.97 -17.87 -7.02
N LYS A 67 6.62 -18.22 -5.79
CA LYS A 67 7.47 -19.05 -4.92
C LYS A 67 7.07 -20.52 -4.96
N THR A 68 5.83 -20.80 -5.35
CA THR A 68 5.28 -22.15 -5.33
C THR A 68 4.87 -22.50 -6.74
N ASP A 69 4.57 -23.78 -6.98
CA ASP A 69 4.14 -24.17 -8.33
C ASP A 69 2.66 -23.90 -8.54
N LYS A 70 2.23 -24.00 -9.80
CA LYS A 70 0.83 -23.82 -10.17
C LYS A 70 -0.09 -24.69 -9.31
N GLU A 71 0.26 -25.96 -9.16
CA GLU A 71 -0.56 -26.91 -8.39
C GLU A 71 -0.88 -26.35 -7.00
N SER A 72 0.15 -25.87 -6.31
CA SER A 72 0.05 -25.38 -4.93
C SER A 72 -0.79 -24.09 -4.80
N LEU A 73 -0.63 -23.19 -5.76
CA LEU A 73 -1.39 -21.94 -5.77
C LEU A 73 -2.88 -22.22 -5.97
N LEU A 74 -3.21 -23.10 -6.92
CA LEU A 74 -4.60 -23.43 -7.21
C LEU A 74 -5.31 -24.01 -5.98
N ARG A 75 -4.60 -24.87 -5.27
CA ARG A 75 -5.09 -25.51 -4.07
C ARG A 75 -5.36 -24.49 -2.97
N GLU A 76 -4.43 -23.54 -2.81
CA GLU A 76 -4.62 -22.43 -1.88
C GLU A 76 -5.84 -21.59 -2.22
N VAL A 77 -6.00 -21.24 -3.50
CA VAL A 77 -7.17 -20.49 -3.96
C VAL A 77 -8.47 -21.21 -3.61
N GLN A 78 -8.50 -22.50 -3.86
CA GLN A 78 -9.70 -23.28 -3.64
C GLN A 78 -10.05 -23.30 -2.14
N LEU A 79 -9.04 -23.40 -1.28
CA LEU A 79 -9.25 -23.32 0.17
C LEU A 79 -9.77 -21.95 0.58
N LEU A 80 -9.06 -20.90 0.17
CA LEU A 80 -9.42 -19.54 0.54
C LEU A 80 -10.84 -19.16 0.17
N LYS A 81 -11.29 -19.61 -0.99
CA LYS A 81 -12.68 -19.41 -1.41
C LYS A 81 -13.72 -19.98 -0.47
N GLN A 82 -13.34 -21.02 0.25
CA GLN A 82 -14.27 -21.67 1.15
C GLN A 82 -14.16 -21.16 2.57
N LEU A 83 -13.15 -20.36 2.87
CA LEU A 83 -13.00 -19.84 4.22
C LEU A 83 -13.92 -18.63 4.43
N ASP A 84 -14.33 -18.43 5.68
CA ASP A 84 -15.20 -17.33 6.00
C ASP A 84 -15.01 -16.89 7.44
N HIS A 85 -14.65 -15.63 7.64
CA HIS A 85 -14.51 -15.06 8.99
C HIS A 85 -14.71 -13.57 8.93
N PRO A 86 -15.36 -12.98 9.94
CA PRO A 86 -15.73 -11.56 9.85
C PRO A 86 -14.55 -10.60 9.79
N ASN A 87 -13.37 -11.06 10.18
CA ASN A 87 -12.20 -10.21 10.23
C ASN A 87 -11.17 -10.57 9.15
N ILE A 88 -11.59 -11.33 8.14
CA ILE A 88 -10.72 -11.73 7.03
C ILE A 88 -11.37 -11.36 5.70
N MET A 89 -10.61 -10.75 4.79
CA MET A 89 -11.13 -10.47 3.44
C MET A 89 -11.68 -11.72 2.78
N LYS A 90 -12.88 -11.60 2.21
CA LYS A 90 -13.48 -12.73 1.49
C LYS A 90 -12.93 -12.75 0.07
N LEU A 91 -12.51 -13.93 -0.38
CA LEU A 91 -12.03 -14.14 -1.74
C LEU A 91 -13.18 -14.79 -2.51
N TYR A 92 -13.49 -14.24 -3.68
CA TYR A 92 -14.57 -14.74 -4.52
C TYR A 92 -14.09 -15.60 -5.70
N GLU A 93 -13.13 -15.08 -6.45
CA GLU A 93 -12.70 -15.70 -7.72
C GLU A 93 -11.22 -15.47 -7.98
N PHE A 94 -10.69 -16.25 -8.92
CA PHE A 94 -9.30 -16.18 -9.27
C PHE A 94 -9.12 -16.44 -10.76
N PHE A 95 -8.36 -15.59 -11.45
CA PHE A 95 -8.11 -15.77 -12.86
C PHE A 95 -6.62 -15.65 -13.12
N GLU A 96 -6.16 -16.28 -14.19
CA GLU A 96 -4.78 -16.15 -14.62
C GLU A 96 -4.74 -16.07 -16.13
N ASP A 97 -3.95 -15.15 -16.67
CA ASP A 97 -3.68 -15.18 -18.10
C ASP A 97 -2.17 -15.12 -18.34
N LYS A 98 -1.80 -14.90 -19.58
CA LYS A 98 -0.41 -14.79 -20.00
C LYS A 98 0.43 -13.91 -19.07
N GLY A 99 -0.07 -12.71 -18.75
CA GLY A 99 0.74 -11.72 -18.01
C GLY A 99 0.38 -11.46 -16.56
N TYR A 100 -0.82 -11.88 -16.14
CA TYR A 100 -1.38 -11.40 -14.88
C TYR A 100 -2.11 -12.47 -14.07
N PHE A 101 -2.20 -12.22 -12.77
CA PHE A 101 -3.14 -12.90 -11.89
C PHE A 101 -4.19 -11.86 -11.51
N TYR A 102 -5.44 -12.28 -11.45
CA TYR A 102 -6.54 -11.42 -11.03
C TYR A 102 -7.21 -12.03 -9.79
N LEU A 103 -7.01 -11.38 -8.66
CA LEU A 103 -7.52 -11.83 -7.37
C LEU A 103 -8.76 -11.01 -7.00
N VAL A 104 -9.94 -11.66 -7.01
CA VAL A 104 -11.22 -10.95 -6.93
C VAL A 104 -11.79 -11.16 -5.54
N GLY A 105 -11.78 -10.09 -4.75
CA GLY A 105 -12.21 -10.11 -3.35
C GLY A 105 -13.34 -9.13 -3.09
N GLU A 106 -13.83 -9.15 -1.87
CA GLU A 106 -14.90 -8.31 -1.43
C GLU A 106 -14.33 -6.90 -1.25
N VAL A 107 -15.09 -5.89 -1.63
CA VAL A 107 -14.62 -4.50 -1.52
C VAL A 107 -15.06 -3.96 -0.18
N TYR A 108 -14.11 -3.36 0.54
CA TYR A 108 -14.35 -2.69 1.81
C TYR A 108 -14.14 -1.18 1.63
N THR A 109 -14.99 -0.37 2.26
CA THR A 109 -15.05 1.06 1.98
C THR A 109 -14.64 1.95 3.15
N GLY A 110 -14.22 1.36 4.26
CA GLY A 110 -13.90 2.11 5.49
C GLY A 110 -12.48 2.65 5.59
N GLY A 111 -11.61 2.24 4.67
CA GLY A 111 -10.22 2.72 4.64
C GLY A 111 -9.34 1.98 5.63
N GLU A 112 -8.08 2.43 5.72
CA GLU A 112 -7.12 1.84 6.65
C GLU A 112 -7.45 2.21 8.09
N LEU A 113 -7.41 1.24 8.99
CA LEU A 113 -7.61 1.48 10.42
C LEU A 113 -6.93 2.76 10.96
N PHE A 114 -5.64 2.93 10.71
CA PHE A 114 -4.89 4.02 11.33
C PHE A 114 -5.41 5.38 10.87
N ASP A 115 -5.97 5.42 9.66
CA ASP A 115 -6.59 6.63 9.13
C ASP A 115 -7.92 6.96 9.83
N GLU A 116 -8.65 5.96 10.32
CA GLU A 116 -9.86 6.22 11.10
C GLU A 116 -9.48 6.66 12.52
N ILE A 117 -8.40 6.06 13.06
CA ILE A 117 -7.99 6.36 14.44
C ILE A 117 -7.52 7.80 14.61
N ILE A 118 -6.75 8.32 13.66
CA ILE A 118 -6.23 9.69 13.78
C ILE A 118 -7.35 10.73 13.70
N SER A 119 -8.48 10.38 13.09
CA SER A 119 -9.62 11.29 12.99
C SER A 119 -10.35 11.53 14.32
N ARG A 120 -10.38 10.55 15.20
CA ARG A 120 -11.17 10.68 16.45
C ARG A 120 -10.44 11.47 17.56
N LYS A 121 -11.22 11.98 18.52
CA LYS A 121 -10.71 12.85 19.58
C LYS A 121 -10.30 12.07 20.83
N ARG A 122 -10.94 10.93 21.08
CA ARG A 122 -10.59 10.06 22.21
C ARG A 122 -10.21 8.65 21.71
N PHE A 123 -9.25 8.04 22.41
CA PHE A 123 -8.80 6.66 22.14
C PHE A 123 -8.24 6.07 23.41
N SER A 124 -8.84 4.97 23.87
CA SER A 124 -8.49 4.36 25.16
C SER A 124 -7.99 2.93 24.98
N GLU A 125 -7.54 2.33 26.08
CA GLU A 125 -7.17 0.92 26.07
C GLU A 125 -8.36 0.03 25.69
N VAL A 126 -9.58 0.50 25.94
CA VAL A 126 -10.77 -0.24 25.51
C VAL A 126 -10.88 -0.29 24.01
N ASP A 127 -10.63 0.84 23.34
CA ASP A 127 -10.65 0.88 21.87
C ASP A 127 -9.53 0.01 21.28
N ALA A 128 -8.35 0.08 21.87
CA ALA A 128 -7.21 -0.73 21.42
C ALA A 128 -7.49 -2.23 21.60
N ALA A 129 -8.04 -2.61 22.77
CA ALA A 129 -8.35 -4.02 23.01
C ALA A 129 -9.39 -4.54 22.04
N ARG A 130 -10.39 -3.74 21.72
CA ARG A 130 -11.40 -4.16 20.74
C ARG A 130 -10.80 -4.35 19.34
N ILE A 131 -9.88 -3.47 18.94
CA ILE A 131 -9.14 -3.64 17.68
C ILE A 131 -8.30 -4.92 17.68
N ILE A 132 -7.46 -5.09 18.69
CA ILE A 132 -6.58 -6.25 18.77
C ILE A 132 -7.36 -7.57 18.92
N ARG A 133 -8.50 -7.55 19.61
CA ARG A 133 -9.33 -8.77 19.67
C ARG A 133 -9.72 -9.19 18.25
N GLN A 134 -10.15 -8.23 17.44
CA GLN A 134 -10.53 -8.53 16.06
C GLN A 134 -9.38 -9.09 15.25
N VAL A 135 -8.20 -8.48 15.36
CA VAL A 135 -7.03 -8.96 14.63
C VAL A 135 -6.65 -10.38 15.06
N LEU A 136 -6.62 -10.61 16.37
CA LEU A 136 -6.34 -11.92 16.91
C LEU A 136 -7.38 -12.98 16.53
N SER A 137 -8.68 -12.64 16.44
CA SER A 137 -9.71 -13.61 16.03
C SER A 137 -9.45 -14.03 14.61
N GLY A 138 -9.16 -13.08 13.75
CA GLY A 138 -8.91 -13.36 12.32
C GLY A 138 -7.66 -14.21 12.11
N ILE A 139 -6.59 -13.82 12.79
CA ILE A 139 -5.33 -14.57 12.75
C ILE A 139 -5.52 -16.01 13.25
N THR A 140 -6.19 -16.17 14.38
CA THR A 140 -6.53 -17.48 14.97
C THR A 140 -7.24 -18.39 13.97
N TYR A 141 -8.25 -17.86 13.30
CA TYR A 141 -8.95 -18.61 12.29
C TYR A 141 -8.03 -19.07 11.14
N MET A 142 -7.21 -18.16 10.65
CA MET A 142 -6.36 -18.46 9.51
C MET A 142 -5.29 -19.48 9.92
N HIS A 143 -4.77 -19.39 11.14
CA HIS A 143 -3.74 -20.36 11.61
C HIS A 143 -4.31 -21.74 11.78
N LYS A 144 -5.56 -21.83 12.24
CA LYS A 144 -6.30 -23.10 12.29
C LYS A 144 -6.36 -23.73 10.91
N ASN A 145 -6.32 -22.89 9.88
CA ASN A 145 -6.39 -23.37 8.52
C ASN A 145 -5.02 -23.45 7.82
N LYS A 146 -3.95 -23.36 8.62
CA LYS A 146 -2.58 -23.43 8.14
C LYS A 146 -2.23 -22.36 7.09
N ILE A 147 -2.76 -21.14 7.27
CA ILE A 147 -2.41 -20.01 6.42
C ILE A 147 -1.77 -18.94 7.31
N VAL A 148 -0.60 -18.46 6.90
CA VAL A 148 0.19 -17.46 7.61
C VAL A 148 0.24 -16.15 6.79
N HIS A 149 0.27 -15.00 7.45
CA HIS A 149 0.35 -13.73 6.73
C HIS A 149 1.80 -13.37 6.46
N ARG A 150 2.59 -13.28 7.53
CA ARG A 150 4.03 -12.93 7.48
C ARG A 150 4.28 -11.42 7.31
N ASP A 151 3.38 -10.71 6.64
CA ASP A 151 3.58 -9.29 6.35
C ASP A 151 2.46 -8.45 6.96
N LEU A 152 2.02 -8.83 8.15
CA LEU A 152 0.95 -8.10 8.84
C LEU A 152 1.44 -6.70 9.26
N LYS A 153 0.71 -5.68 8.85
CA LYS A 153 1.05 -4.29 9.15
C LYS A 153 -0.27 -3.49 9.19
N PRO A 154 -0.25 -2.25 9.73
CA PRO A 154 -1.44 -1.37 9.76
C PRO A 154 -2.17 -1.24 8.41
N GLU A 155 -1.42 -1.12 7.32
CA GLU A 155 -1.99 -1.07 5.95
C GLU A 155 -2.80 -2.28 5.52
N ASN A 156 -2.58 -3.43 6.15
CA ASN A 156 -3.38 -4.63 5.87
C ASN A 156 -4.64 -4.74 6.74
N LEU A 157 -4.91 -3.74 7.56
CA LEU A 157 -6.12 -3.70 8.40
C LEU A 157 -7.06 -2.65 7.83
N LEU A 158 -8.05 -3.10 7.06
CA LEU A 158 -9.09 -2.22 6.49
C LEU A 158 -10.34 -2.27 7.35
N LEU A 159 -11.11 -1.20 7.33
CA LEU A 159 -12.41 -1.19 7.98
C LEU A 159 -13.46 -1.48 6.93
N GLU A 160 -14.41 -2.32 7.30
CA GLU A 160 -15.39 -2.88 6.37
C GLU A 160 -16.26 -1.82 5.72
N SER A 161 -16.66 -0.83 6.51
CA SER A 161 -17.44 0.30 6.02
C SER A 161 -17.07 1.55 6.80
N LYS A 162 -17.77 2.64 6.53
CA LYS A 162 -17.55 3.92 7.22
C LYS A 162 -18.27 4.05 8.57
N SER A 163 -19.07 3.06 8.94
CA SER A 163 -19.77 3.07 10.22
C SER A 163 -18.78 3.05 11.39
N LYS A 164 -18.99 3.92 12.37
CA LYS A 164 -18.05 4.11 13.49
C LYS A 164 -17.67 2.81 14.22
N ASP A 165 -18.58 1.83 14.22
CA ASP A 165 -18.37 0.54 14.89
C ASP A 165 -17.69 -0.54 14.02
N ALA A 166 -17.41 -0.25 12.75
CA ALA A 166 -17.19 -1.28 11.72
C ALA A 166 -16.07 -2.27 12.03
N ASN A 167 -16.25 -3.49 11.52
CA ASN A 167 -15.24 -4.55 11.66
C ASN A 167 -13.99 -4.33 10.84
N ILE A 168 -12.87 -4.81 11.39
CA ILE A 168 -11.59 -4.81 10.70
C ILE A 168 -11.56 -6.04 9.80
N ARG A 169 -11.12 -5.85 8.55
CA ARG A 169 -10.90 -6.95 7.63
C ARG A 169 -9.42 -6.98 7.31
N ILE A 170 -8.80 -8.10 7.59
CA ILE A 170 -7.36 -8.27 7.32
C ILE A 170 -7.22 -8.65 5.86
N ILE A 171 -6.40 -7.91 5.13
CA ILE A 171 -6.10 -8.23 3.73
C ILE A 171 -4.70 -8.87 3.58
N ASP A 172 -4.54 -9.61 2.49
CA ASP A 172 -3.28 -10.23 2.04
C ASP A 172 -2.83 -11.56 2.72
N PHE A 173 -3.69 -12.20 3.50
CA PHE A 173 -3.34 -13.54 4.01
C PHE A 173 -2.99 -14.49 2.86
N GLY A 174 -1.90 -15.20 3.00
CA GLY A 174 -1.52 -16.21 2.03
C GLY A 174 -0.68 -15.72 0.87
N LEU A 175 -0.65 -14.42 0.58
CA LEU A 175 0.12 -13.94 -0.59
C LEU A 175 1.63 -14.18 -0.48
N SER A 176 2.20 -13.92 0.68
CA SER A 176 3.66 -14.03 0.85
C SER A 176 4.17 -15.46 0.74
N THR A 177 3.28 -16.43 0.93
CA THR A 177 3.63 -17.82 0.79
C THR A 177 3.82 -18.13 -0.69
N HIS A 178 3.03 -17.47 -1.54
CA HIS A 178 3.03 -17.78 -2.98
C HIS A 178 3.78 -16.85 -3.88
N PHE A 179 4.02 -15.61 -3.45
CA PHE A 179 4.73 -14.63 -4.29
C PHE A 179 5.87 -13.95 -3.53
N GLU A 180 6.94 -13.62 -4.24
CA GLU A 180 8.10 -12.94 -3.62
C GLU A 180 7.89 -11.43 -3.50
N ALA A 181 8.19 -10.91 -2.31
CA ALA A 181 8.11 -9.49 -2.01
C ALA A 181 9.05 -8.68 -2.93
N SER A 182 8.62 -7.47 -3.28
CA SER A 182 9.46 -6.53 -4.01
C SER A 182 10.64 -6.09 -3.15
N LYS A 183 11.78 -5.87 -3.78
CA LYS A 183 12.95 -5.32 -3.11
C LYS A 183 12.96 -3.79 -3.21
N LYS A 184 12.00 -3.23 -3.97
CA LYS A 184 11.93 -1.80 -4.24
C LYS A 184 11.34 -1.03 -3.05
N MET A 185 12.00 0.05 -2.65
CA MET A 185 11.63 0.80 -1.45
C MET A 185 10.19 1.34 -1.53
N LYS A 186 9.76 1.73 -2.73
CA LYS A 186 8.41 2.26 -2.91
C LYS A 186 7.36 1.21 -2.50
N ASP A 187 7.71 -0.06 -2.63
CA ASP A 187 6.88 -1.18 -2.16
C ASP A 187 7.27 -1.60 -0.74
N LYS A 188 8.55 -1.47 -0.41
CA LYS A 188 9.06 -1.93 0.89
C LYS A 188 8.69 -1.01 2.06
N ILE A 189 8.47 0.26 1.78
CA ILE A 189 8.32 1.26 2.86
C ILE A 189 7.25 0.84 3.88
N GLY A 190 7.58 0.90 5.16
CA GLY A 190 6.67 0.50 6.23
C GLY A 190 6.88 -0.90 6.77
N THR A 191 7.54 -1.78 6.02
CA THR A 191 7.58 -3.20 6.35
C THR A 191 8.51 -3.55 7.53
N ALA A 192 9.62 -2.85 7.67
CA ALA A 192 10.67 -3.20 8.62
C ALA A 192 10.23 -3.15 10.10
N TYR A 193 9.27 -2.29 10.45
CA TYR A 193 8.83 -2.14 11.84
C TYR A 193 8.13 -3.42 12.37
N TYR A 194 7.47 -4.14 11.47
CA TYR A 194 6.53 -5.20 11.82
C TYR A 194 7.01 -6.63 11.68
N ILE A 195 8.07 -6.83 10.90
CA ILE A 195 8.55 -8.15 10.55
C ILE A 195 9.17 -8.86 11.77
N ALA A 196 8.82 -10.12 11.95
CA ALA A 196 9.32 -10.88 13.09
C ALA A 196 10.79 -11.23 12.84
N PRO A 197 11.63 -11.25 13.88
CA PRO A 197 13.04 -11.57 13.70
C PRO A 197 13.32 -12.89 12.97
N GLU A 198 12.53 -13.93 13.26
CA GLU A 198 12.76 -15.23 12.64
C GLU A 198 12.49 -15.25 11.14
N VAL A 199 11.63 -14.37 10.66
CA VAL A 199 11.40 -14.19 9.21
C VAL A 199 12.70 -13.70 8.53
N LEU A 200 13.42 -12.80 9.20
CA LEU A 200 14.71 -12.31 8.68
C LEU A 200 15.72 -13.46 8.56
N HIS A 201 15.70 -14.40 9.50
CA HIS A 201 16.71 -15.47 9.48
C HIS A 201 16.31 -16.72 8.72
N GLY A 202 15.05 -16.83 8.33
CA GLY A 202 14.62 -17.85 7.36
C GLY A 202 13.76 -19.00 7.88
N THR A 203 13.83 -19.31 9.17
CA THR A 203 13.00 -20.36 9.76
C THR A 203 11.85 -19.68 10.49
N TYR A 204 10.66 -19.73 9.92
CA TYR A 204 9.51 -19.08 10.55
C TYR A 204 8.25 -19.91 10.39
N ASP A 205 7.28 -19.61 11.24
CA ASP A 205 6.00 -20.28 11.23
C ASP A 205 4.93 -19.26 11.63
N GLU A 206 3.73 -19.75 11.94
CA GLU A 206 2.58 -18.89 12.18
C GLU A 206 2.79 -17.87 13.32
N LYS A 207 3.69 -18.17 14.26
CA LYS A 207 3.93 -17.25 15.36
C LYS A 207 4.48 -15.90 14.88
N CYS A 208 4.98 -15.79 13.65
CA CYS A 208 5.42 -14.48 13.17
C CYS A 208 4.26 -13.48 13.13
N ASP A 209 3.03 -13.98 12.99
CA ASP A 209 1.88 -13.11 12.94
C ASP A 209 1.54 -12.52 14.30
N VAL A 210 1.90 -13.21 15.37
CA VAL A 210 1.69 -12.71 16.74
C VAL A 210 2.66 -11.58 17.09
N TRP A 211 3.92 -11.76 16.71
CA TRP A 211 4.94 -10.69 16.77
C TRP A 211 4.47 -9.43 16.14
N SER A 212 4.07 -9.50 14.87
CA SER A 212 3.62 -8.34 14.14
C SER A 212 2.43 -7.65 14.80
N THR A 213 1.55 -8.45 15.39
CA THR A 213 0.40 -7.93 16.15
C THR A 213 0.83 -7.25 17.44
N GLY A 214 1.84 -7.79 18.07
CA GLY A 214 2.46 -7.17 19.25
C GLY A 214 3.03 -5.81 18.93
N VAL A 215 3.67 -5.70 17.75
CA VAL A 215 4.23 -4.43 17.33
C VAL A 215 3.14 -3.41 17.09
N ILE A 216 2.06 -3.84 16.45
CA ILE A 216 0.92 -2.96 16.19
C ILE A 216 0.31 -2.48 17.51
N LEU A 217 0.08 -3.40 18.45
CA LEU A 217 -0.42 -3.05 19.79
C LEU A 217 0.51 -2.07 20.52
N TYR A 218 1.81 -2.31 20.52
CA TYR A 218 2.75 -1.35 21.08
C TYR A 218 2.51 0.07 20.49
N ILE A 219 2.31 0.14 19.17
CA ILE A 219 2.10 1.42 18.50
C ILE A 219 0.73 2.02 18.86
N LEU A 220 -0.29 1.19 18.94
CA LEU A 220 -1.64 1.67 19.29
C LEU A 220 -1.64 2.38 20.63
N LEU A 221 -0.89 1.82 21.59
CA LEU A 221 -0.90 2.30 22.96
C LEU A 221 0.08 3.43 23.28
N SER A 222 1.14 3.61 22.47
CA SER A 222 2.13 4.71 22.65
C SER A 222 2.29 5.62 21.46
N GLY A 223 1.85 5.19 20.27
CA GLY A 223 2.08 5.95 19.05
C GLY A 223 3.47 5.93 18.43
N CYS A 224 4.37 5.08 18.94
CA CYS A 224 5.74 4.95 18.42
C CYS A 224 6.08 3.48 18.23
N PRO A 225 6.78 3.14 17.12
CA PRO A 225 7.20 1.75 16.92
C PRO A 225 8.19 1.30 18.01
N PRO A 226 8.10 0.03 18.45
CA PRO A 226 9.05 -0.45 19.45
C PRO A 226 10.47 -0.60 18.90
N PHE A 227 10.60 -0.88 17.60
CA PHE A 227 11.91 -0.99 16.98
C PHE A 227 12.00 0.05 15.88
N ASN A 228 12.90 1.00 16.07
CA ASN A 228 12.98 2.13 15.16
C ASN A 228 14.42 2.49 14.91
N GLY A 229 14.64 3.31 13.89
CA GLY A 229 15.97 3.77 13.54
C GLY A 229 15.89 4.76 12.40
N ALA A 230 17.04 5.27 11.98
CA ALA A 230 17.12 6.39 11.03
C ALA A 230 16.92 5.95 9.57
N ASN A 231 16.91 4.64 9.34
CA ASN A 231 16.68 4.10 8.00
C ASN A 231 16.28 2.63 8.12
N GLU A 232 15.94 2.02 6.99
CA GLU A 232 15.38 0.69 6.98
C GLU A 232 16.34 -0.35 7.58
N TYR A 233 17.63 -0.26 7.29
CA TYR A 233 18.54 -1.26 7.83
C TYR A 233 18.75 -1.09 9.32
N ASP A 234 18.77 0.17 9.78
CA ASP A 234 18.86 0.41 11.22
C ASP A 234 17.63 -0.14 11.95
N ILE A 235 16.45 -0.14 11.31
CA ILE A 235 15.24 -0.71 11.93
C ILE A 235 15.40 -2.24 12.02
N LEU A 236 15.82 -2.86 10.91
CA LEU A 236 16.03 -4.29 10.87
C LEU A 236 17.04 -4.76 11.93
N LYS A 237 18.10 -3.96 12.13
CA LYS A 237 19.12 -4.25 13.15
C LYS A 237 18.48 -4.28 14.53
N LYS A 238 17.54 -3.35 14.79
CA LYS A 238 16.86 -3.29 16.09
C LYS A 238 15.89 -4.47 16.27
N VAL A 239 15.15 -4.82 15.22
CA VAL A 239 14.30 -6.03 15.21
C VAL A 239 15.10 -7.27 15.52
N GLU A 240 16.20 -7.45 14.80
CA GLU A 240 17.02 -8.64 14.95
C GLU A 240 17.58 -8.80 16.39
N LYS A 241 18.00 -7.70 17.01
CA LYS A 241 18.39 -7.74 18.44
C LYS A 241 17.20 -8.00 19.37
N GLY A 242 16.03 -7.49 19.00
CA GLY A 242 14.78 -7.83 19.69
C GLY A 242 14.48 -7.12 21.00
N LYS A 243 15.27 -6.12 21.38
CA LYS A 243 15.09 -5.46 22.68
C LYS A 243 14.26 -4.18 22.51
N TYR A 244 13.39 -3.92 23.47
CA TYR A 244 12.50 -2.74 23.45
C TYR A 244 12.27 -2.42 24.91
N THR A 245 11.72 -1.25 25.19
CA THR A 245 11.48 -0.86 26.56
C THR A 245 10.13 -0.16 26.61
N PHE A 246 9.63 0.00 27.83
CA PHE A 246 8.42 0.75 28.09
C PHE A 246 8.74 1.98 28.94
N GLU A 247 9.93 2.53 28.76
CA GLU A 247 10.40 3.62 29.63
C GLU A 247 9.97 5.01 29.13
N LEU A 248 9.37 5.09 27.95
CA LEU A 248 8.83 6.36 27.46
C LEU A 248 7.74 6.85 28.44
N PRO A 249 7.43 8.17 28.42
CA PRO A 249 6.52 8.68 29.45
C PRO A 249 5.10 8.14 29.33
N GLN A 250 4.60 8.07 28.10
CA GLN A 250 3.21 7.70 27.86
C GLN A 250 2.85 6.25 28.25
N TRP A 251 3.84 5.44 28.59
CA TRP A 251 3.61 4.11 29.15
C TRP A 251 3.20 4.12 30.60
N LYS A 252 3.29 5.28 31.25
CA LYS A 252 2.83 5.43 32.63
C LYS A 252 1.31 5.38 32.70
N LYS A 253 0.65 5.88 31.65
CA LYS A 253 -0.80 5.80 31.51
C LYS A 253 -1.35 4.36 31.33
N VAL A 254 -0.50 3.42 30.90
CA VAL A 254 -0.93 2.12 30.40
C VAL A 254 -0.93 1.02 31.46
N SER A 255 -1.95 0.16 31.43
CA SER A 255 -2.08 -0.94 32.38
C SER A 255 -0.92 -1.92 32.27
N GLU A 256 -0.56 -2.50 33.41
CA GLU A 256 0.45 -3.54 33.46
C GLU A 256 0.08 -4.74 32.59
N SER A 257 -1.21 -5.05 32.51
CA SER A 257 -1.64 -6.24 31.77
C SER A 257 -1.44 -6.09 30.26
N ALA A 258 -1.65 -4.88 29.72
CA ALA A 258 -1.32 -4.60 28.31
C ALA A 258 0.16 -4.81 28.02
N LYS A 259 1.01 -4.33 28.92
CA LYS A 259 2.43 -4.52 28.75
C LYS A 259 2.83 -5.98 28.89
N ASP A 260 2.14 -6.72 29.75
CA ASP A 260 2.39 -8.16 29.88
C ASP A 260 2.03 -8.89 28.58
N LEU A 261 0.92 -8.49 27.96
CA LEU A 261 0.51 -9.11 26.71
C LEU A 261 1.52 -8.75 25.61
N ILE A 262 1.90 -7.49 25.53
CA ILE A 262 2.90 -7.10 24.55
C ILE A 262 4.19 -7.92 24.70
N ARG A 263 4.68 -8.06 25.93
CA ARG A 263 5.92 -8.81 26.20
C ARG A 263 5.77 -10.25 25.69
N LYS A 264 4.60 -10.83 25.94
CA LYS A 264 4.34 -12.21 25.49
C LYS A 264 4.28 -12.34 23.97
N MET A 265 3.76 -11.31 23.30
CA MET A 265 3.74 -11.30 21.83
C MET A 265 5.10 -10.95 21.20
N LEU A 266 5.92 -10.16 21.89
CA LEU A 266 7.26 -9.81 21.41
C LEU A 266 8.34 -10.69 22.05
N THR A 267 7.98 -11.92 22.40
CA THR A 267 8.96 -12.86 22.91
C THR A 267 9.75 -13.34 21.72
N TYR A 268 11.07 -13.40 21.91
CA TYR A 268 11.98 -13.58 20.78
C TYR A 268 11.87 -15.00 20.19
N VAL A 269 11.96 -16.01 21.05
CA VAL A 269 11.95 -17.41 20.56
C VAL A 269 10.50 -17.79 20.28
N PRO A 270 10.17 -18.13 19.01
CA PRO A 270 8.77 -18.30 18.65
C PRO A 270 8.05 -19.41 19.41
N SER A 271 8.75 -20.48 19.77
CA SER A 271 8.13 -21.54 20.56
C SER A 271 7.70 -21.02 21.95
N MET A 272 8.36 -19.99 22.46
CA MET A 272 8.02 -19.41 23.76
CA MET A 272 8.03 -19.41 23.77
C MET A 272 7.02 -18.27 23.64
N ARG A 273 6.78 -17.81 22.42
CA ARG A 273 5.82 -16.73 22.19
C ARG A 273 4.38 -17.22 22.27
N ILE A 274 3.48 -16.36 22.77
CA ILE A 274 2.08 -16.67 22.92
C ILE A 274 1.46 -16.94 21.56
N SER A 275 0.55 -17.88 21.51
CA SER A 275 -0.21 -18.11 20.28
C SER A 275 -1.31 -17.05 20.15
N ALA A 276 -1.89 -16.93 18.97
CA ALA A 276 -2.95 -15.99 18.75
C ALA A 276 -4.15 -16.37 19.60
N ARG A 277 -4.47 -17.67 19.65
CA ARG A 277 -5.65 -18.11 20.33
C ARG A 277 -5.51 -17.87 21.83
N ASP A 278 -4.34 -18.14 22.38
CA ASP A 278 -4.09 -17.88 23.80
C ASP A 278 -4.06 -16.38 24.14
N ALA A 279 -3.62 -15.55 23.19
CA ALA A 279 -3.63 -14.14 23.39
C ALA A 279 -5.09 -13.66 23.53
N LEU A 280 -6.04 -14.29 22.83
CA LEU A 280 -7.47 -13.97 23.01
C LEU A 280 -7.97 -14.18 24.46
N ASP A 281 -7.35 -15.11 25.18
CA ASP A 281 -7.73 -15.35 26.56
C ASP A 281 -6.90 -14.55 27.57
N HIS A 282 -6.07 -13.63 27.11
CA HIS A 282 -5.21 -12.88 28.02
C HIS A 282 -6.05 -11.90 28.81
N GLU A 283 -5.64 -11.74 30.07
CA GLU A 283 -6.27 -10.82 31.02
C GLU A 283 -6.65 -9.47 30.41
N TRP A 284 -5.72 -8.85 29.70
CA TRP A 284 -5.97 -7.57 29.05
C TRP A 284 -7.11 -7.62 28.06
N ILE A 285 -7.16 -8.61 27.18
CA ILE A 285 -8.27 -8.68 26.19
C ILE A 285 -9.59 -8.89 26.94
N GLN A 286 -9.55 -9.75 27.97
CA GLN A 286 -10.73 -10.12 28.74
C GLN A 286 -11.30 -8.96 29.55
N THR A 287 -10.42 -8.16 30.16
CA THR A 287 -10.87 -7.01 30.93
C THR A 287 -11.39 -5.90 30.03
N TYR A 288 -10.59 -5.53 29.04
CA TYR A 288 -10.85 -4.29 28.30
C TYR A 288 -11.86 -4.43 27.15
N THR A 289 -12.30 -5.65 26.83
CA THR A 289 -13.36 -5.83 25.83
C THR A 289 -14.72 -6.32 26.40
N LYS A 290 -14.89 -6.35 27.73
CA LYS A 290 -16.21 -6.65 28.31
C LYS A 290 -16.97 -5.42 28.79
N ASP A 296 -14.56 4.59 33.14
CA ASP A 296 -13.44 4.37 34.05
C ASP A 296 -12.07 4.44 33.37
N VAL A 297 -12.01 4.35 32.05
CA VAL A 297 -10.75 4.26 31.30
C VAL A 297 -10.36 5.59 30.63
N PRO A 298 -9.17 6.13 30.95
CA PRO A 298 -8.78 7.44 30.42
C PRO A 298 -8.39 7.38 28.94
N SER A 299 -8.39 8.53 28.27
CA SER A 299 -7.99 8.60 26.88
C SER A 299 -6.46 8.64 26.79
N LEU A 300 -5.93 8.11 25.68
CA LEU A 300 -4.49 8.09 25.45
C LEU A 300 -4.13 9.21 24.46
N ASP A 301 -4.21 10.45 24.93
CA ASP A 301 -4.07 11.62 24.08
C ASP A 301 -2.69 11.71 23.44
N ASN A 302 -1.65 11.44 24.22
CA ASN A 302 -0.29 11.46 23.69
C ASN A 302 -0.08 10.39 22.61
N ALA A 303 -0.71 9.23 22.75
CA ALA A 303 -0.59 8.17 21.74
C ALA A 303 -1.23 8.60 20.42
N ILE A 304 -2.40 9.23 20.49
CA ILE A 304 -3.10 9.64 19.27
C ILE A 304 -2.25 10.65 18.53
N LEU A 305 -1.70 11.60 19.29
CA LEU A 305 -0.81 12.63 18.75
C LEU A 305 0.35 12.00 18.01
N ASN A 306 0.99 11.01 18.65
CA ASN A 306 2.17 10.39 18.05
C ASN A 306 1.82 9.50 16.83
N ILE A 307 0.67 8.84 16.86
CA ILE A 307 0.17 8.08 15.71
C ILE A 307 -0.14 8.97 14.52
N ARG A 308 -0.79 10.11 14.76
CA ARG A 308 -1.06 11.09 13.70
C ARG A 308 0.24 11.53 13.04
N GLN A 309 1.27 11.79 13.85
CA GLN A 309 2.59 12.14 13.34
C GLN A 309 3.27 10.99 12.60
N PHE A 310 3.16 9.78 13.14
CA PHE A 310 3.69 8.59 12.51
C PHE A 310 3.04 8.35 11.15
N GLN A 311 1.70 8.34 11.13
CA GLN A 311 0.98 8.10 9.90
C GLN A 311 1.32 9.13 8.81
N GLY A 312 1.22 10.40 9.16
CA GLY A 312 1.55 11.49 8.23
C GLY A 312 2.91 11.33 7.59
N THR A 313 3.91 11.03 8.41
CA THR A 313 5.29 10.83 7.95
C THR A 313 5.39 9.68 6.96
N GLN A 314 4.77 8.55 7.30
CA GLN A 314 4.79 7.37 6.45
C GLN A 314 4.08 7.66 5.14
N LYS A 315 2.94 8.34 5.20
CA LYS A 315 2.18 8.61 3.98
C LYS A 315 2.90 9.56 3.04
N LEU A 316 3.60 10.57 3.59
CA LEU A 316 4.35 11.51 2.73
C LEU A 316 5.55 10.81 2.08
N ALA A 317 6.29 10.02 2.88
CA ALA A 317 7.39 9.21 2.29
C ALA A 317 6.90 8.32 1.14
N GLN A 318 5.78 7.62 1.32
CA GLN A 318 5.23 6.78 0.26
C GLN A 318 4.89 7.60 -0.97
N ALA A 319 4.18 8.70 -0.72
CA ALA A 319 3.76 9.60 -1.78
C ALA A 319 4.96 10.17 -2.51
N ALA A 320 6.03 10.48 -1.79
CA ALA A 320 7.29 10.95 -2.44
C ALA A 320 7.88 9.89 -3.37
N LEU A 321 7.89 8.64 -2.91
CA LEU A 321 8.42 7.54 -3.72
C LEU A 321 7.55 7.26 -4.93
N LEU A 322 6.23 7.34 -4.79
CA LEU A 322 5.36 7.08 -5.93
C LEU A 322 5.46 8.19 -6.98
N TYR A 323 5.67 9.42 -6.52
CA TYR A 323 5.85 10.56 -7.42
C TYR A 323 7.10 10.36 -8.25
N MET A 324 8.19 9.99 -7.59
CA MET A 324 9.42 9.72 -8.33
C MET A 324 9.26 8.59 -9.34
N GLY A 325 8.58 7.52 -8.93
CA GLY A 325 8.35 6.37 -9.79
C GLY A 325 7.46 6.73 -10.96
N SER A 326 6.46 7.56 -10.71
CA SER A 326 5.57 8.00 -11.76
C SER A 326 6.27 8.95 -12.76
N LYS A 327 7.21 9.76 -12.30
CA LYS A 327 8.04 10.56 -13.20
C LYS A 327 8.90 9.65 -14.09
N LEU A 328 9.54 8.65 -13.50
CA LEU A 328 10.34 7.71 -14.31
C LEU A 328 9.48 6.95 -15.35
N THR A 329 8.31 6.48 -14.93
CA THR A 329 7.40 5.75 -15.84
C THR A 329 6.98 6.63 -17.01
N SER A 330 6.69 7.89 -16.73
CA SER A 330 6.37 8.85 -17.79
C SER A 330 7.52 9.05 -18.78
N GLN A 331 8.76 9.16 -18.30
CA GLN A 331 9.89 9.32 -19.21
C GLN A 331 10.00 8.10 -20.12
N ASP A 332 9.83 6.92 -19.53
CA ASP A 332 9.81 5.67 -20.27
C ASP A 332 8.65 5.64 -21.29
N GLU A 333 7.43 5.85 -20.82
CA GLU A 333 6.22 5.71 -21.67
C GLU A 333 6.04 6.80 -22.73
N THR A 334 6.43 8.04 -22.43
CA THR A 334 6.31 9.15 -23.39
C THR A 334 7.11 8.84 -24.65
N LYS A 335 8.33 8.38 -24.47
CA LYS A 335 9.18 8.10 -25.62
C LYS A 335 8.74 6.82 -26.31
N GLU A 336 8.26 5.84 -25.53
CA GLU A 336 7.82 4.58 -26.14
C GLU A 336 6.59 4.81 -27.00
N LEU A 337 5.61 5.54 -26.47
CA LEU A 337 4.42 5.81 -27.22
C LEU A 337 4.69 6.59 -28.52
N THR A 338 5.62 7.53 -28.46
CA THR A 338 6.01 8.29 -29.65
C THR A 338 6.62 7.39 -30.72
N ALA A 339 7.45 6.43 -30.30
CA ALA A 339 8.09 5.48 -31.23
C ALA A 339 7.05 4.55 -31.87
N ILE A 340 6.06 4.13 -31.09
CA ILE A 340 4.96 3.30 -31.60
C ILE A 340 4.14 4.03 -32.68
N PHE A 341 3.78 5.28 -32.41
CA PHE A 341 3.00 6.03 -33.39
C PHE A 341 3.83 6.41 -34.63
N HIS A 342 5.11 6.71 -34.45
CA HIS A 342 6.01 6.99 -35.57
C HIS A 342 6.12 5.81 -36.50
N LYS A 343 6.24 4.62 -35.93
CA LYS A 343 6.22 3.37 -36.69
C LYS A 343 4.91 3.19 -37.46
N MET A 344 3.79 3.44 -36.77
CA MET A 344 2.45 3.30 -37.38
C MET A 344 2.14 4.31 -38.48
N ASP A 345 2.79 5.48 -38.44
CA ASP A 345 2.53 6.55 -39.39
C ASP A 345 3.23 6.23 -40.71
N LYS A 346 2.51 5.51 -41.57
CA LYS A 346 3.04 5.01 -42.84
C LYS A 346 3.77 6.06 -43.67
N ASN A 347 3.05 7.09 -44.10
CA ASN A 347 3.65 8.13 -44.95
C ASN A 347 4.31 9.27 -44.17
N GLY A 348 4.35 9.15 -42.84
CA GLY A 348 5.12 10.08 -41.99
C GLY A 348 4.62 11.52 -41.96
N ASP A 349 3.31 11.72 -42.09
CA ASP A 349 2.72 13.06 -42.03
C ASP A 349 2.26 13.48 -40.62
N GLY A 350 2.42 12.59 -39.64
CA GLY A 350 2.06 12.86 -38.23
C GLY A 350 0.59 12.71 -37.86
N GLN A 351 -0.21 12.10 -38.75
CA GLN A 351 -1.67 12.00 -38.59
C GLN A 351 -2.14 10.54 -38.47
N LEU A 352 -2.72 10.20 -37.32
CA LEU A 352 -3.37 8.90 -37.14
C LEU A 352 -4.84 9.11 -36.82
N ASP A 353 -5.68 8.10 -37.12
CA ASP A 353 -7.08 8.14 -36.72
C ASP A 353 -7.24 7.54 -35.32
N ARG A 354 -8.45 7.59 -34.79
CA ARG A 354 -8.75 7.18 -33.42
C ARG A 354 -8.53 5.68 -33.21
N ALA A 355 -8.90 4.85 -34.19
CA ALA A 355 -8.70 3.40 -34.04
C ALA A 355 -7.19 3.07 -34.01
N GLU A 356 -6.38 3.85 -34.72
CA GLU A 356 -4.91 3.71 -34.69
C GLU A 356 -4.31 4.15 -33.35
N LEU A 357 -4.82 5.26 -32.81
CA LEU A 357 -4.40 5.74 -31.49
C LEU A 357 -4.71 4.68 -30.44
N ILE A 358 -5.88 4.07 -30.55
CA ILE A 358 -6.29 2.98 -29.66
C ILE A 358 -5.32 1.80 -29.78
N GLU A 359 -5.03 1.38 -31.01
CA GLU A 359 -4.14 0.25 -31.27
C GLU A 359 -2.73 0.52 -30.73
N GLY A 360 -2.26 1.75 -30.87
CA GLY A 360 -0.93 2.15 -30.39
C GLY A 360 -0.86 2.20 -28.87
N TYR A 361 -1.94 2.69 -28.24
CA TYR A 361 -2.05 2.71 -26.78
C TYR A 361 -2.14 1.28 -26.25
N LYS A 362 -2.78 0.40 -27.02
CA LYS A 362 -2.78 -1.04 -26.71
C LYS A 362 -1.39 -1.65 -26.83
N GLU A 363 -0.64 -1.25 -27.86
CA GLU A 363 0.74 -1.75 -28.02
C GLU A 363 1.61 -1.28 -26.87
N LEU A 364 1.33 -0.09 -26.34
CA LEU A 364 2.05 0.42 -25.16
C LEU A 364 1.79 -0.47 -23.94
N MET A 365 0.51 -0.74 -23.67
CA MET A 365 0.14 -1.70 -22.59
C MET A 365 0.65 -3.15 -22.80
N ARG A 366 0.82 -3.57 -24.05
CA ARG A 366 1.51 -4.86 -24.31
C ARG A 366 2.97 -4.84 -23.84
N MET A 367 3.71 -3.78 -24.19
CA MET A 367 5.11 -3.63 -23.79
C MET A 367 5.28 -3.28 -22.30
N LYS A 368 4.34 -2.55 -21.72
CA LYS A 368 4.39 -2.11 -20.31
C LYS A 368 3.22 -2.70 -19.52
N GLY A 369 3.49 -3.34 -18.39
CA GLY A 369 2.43 -3.92 -17.56
C GLY A 369 2.04 -3.06 -16.38
N GLN A 370 1.88 -1.76 -16.61
CA GLN A 370 1.75 -0.77 -15.53
C GLN A 370 0.30 -0.42 -15.16
N ASP A 371 -0.51 -0.07 -16.15
CA ASP A 371 -1.91 0.33 -15.91
C ASP A 371 -2.84 -0.87 -15.87
N ALA A 372 -3.04 -1.39 -14.64
CA ALA A 372 -4.06 -2.38 -14.37
C ALA A 372 -5.45 -1.87 -14.82
N SER A 373 -5.66 -0.56 -14.73
CA SER A 373 -6.86 0.10 -15.28
C SER A 373 -7.12 -0.14 -16.78
N MET A 374 -6.07 -0.46 -17.54
CA MET A 374 -6.12 -0.46 -19.01
C MET A 374 -5.86 -1.84 -19.62
N LEU A 375 -6.26 -2.89 -18.93
CA LEU A 375 -6.08 -4.28 -19.41
C LEU A 375 -7.40 -4.81 -19.98
N ASP A 376 -8.07 -3.96 -20.73
CA ASP A 376 -9.28 -4.34 -21.44
C ASP A 376 -9.50 -3.33 -22.58
N ALA A 377 -9.84 -3.84 -23.75
CA ALA A 377 -10.01 -3.03 -24.96
C ALA A 377 -10.95 -1.83 -24.79
N SER A 378 -12.10 -2.02 -24.13
CA SER A 378 -13.04 -0.89 -23.98
C SER A 378 -12.52 0.17 -22.99
N ALA A 379 -11.72 -0.24 -22.00
CA ALA A 379 -11.09 0.71 -21.08
C ALA A 379 -10.18 1.67 -21.84
N VAL A 380 -9.40 1.12 -22.75
CA VAL A 380 -8.48 1.93 -23.57
C VAL A 380 -9.22 2.84 -24.54
N GLU A 381 -10.29 2.34 -25.17
CA GLU A 381 -11.13 3.17 -26.02
C GLU A 381 -11.64 4.38 -25.24
N HIS A 382 -12.09 4.12 -24.00
CA HIS A 382 -12.59 5.19 -23.16
C HIS A 382 -11.50 6.19 -22.80
N GLU A 383 -10.31 5.70 -22.46
CA GLU A 383 -9.22 6.57 -22.03
C GLU A 383 -8.73 7.46 -23.19
N VAL A 384 -8.66 6.89 -24.38
CA VAL A 384 -8.32 7.63 -25.59
C VAL A 384 -9.34 8.76 -25.82
N ASP A 385 -10.64 8.48 -25.69
CA ASP A 385 -11.69 9.51 -25.85
C ASP A 385 -11.62 10.63 -24.83
N GLN A 386 -11.27 10.30 -23.57
CA GLN A 386 -11.05 11.32 -22.54
C GLN A 386 -9.91 12.27 -22.96
N VAL A 387 -8.83 11.69 -23.47
CA VAL A 387 -7.70 12.48 -23.93
C VAL A 387 -8.09 13.38 -25.12
N LEU A 388 -8.78 12.79 -26.10
CA LEU A 388 -9.20 13.57 -27.26
C LEU A 388 -10.17 14.69 -26.83
N ASP A 389 -11.07 14.39 -25.91
CA ASP A 389 -12.01 15.40 -25.39
C ASP A 389 -11.32 16.52 -24.61
N ALA A 390 -10.18 16.24 -23.98
CA ALA A 390 -9.38 17.30 -23.35
C ALA A 390 -8.77 18.22 -24.41
N VAL A 391 -8.13 17.62 -25.42
CA VAL A 391 -7.37 18.36 -26.45
C VAL A 391 -8.22 19.11 -27.49
N ASP A 392 -9.54 18.93 -27.45
CA ASP A 392 -10.45 19.48 -28.48
C ASP A 392 -10.18 18.90 -29.87
N PHE A 393 -9.80 17.63 -29.91
CA PHE A 393 -9.66 16.92 -31.18
C PHE A 393 -10.96 16.19 -31.48
N ASP A 394 -11.38 16.24 -32.75
CA ASP A 394 -12.54 15.49 -33.19
C ASP A 394 -12.13 14.01 -33.29
N LYS A 395 -12.93 13.14 -32.70
CA LYS A 395 -12.60 11.72 -32.63
C LYS A 395 -12.92 10.91 -33.92
N ASN A 396 -13.66 11.52 -34.86
CA ASN A 396 -14.03 10.80 -36.07
CA ASN A 396 -14.09 10.87 -36.09
C ASN A 396 -13.16 11.13 -37.29
N GLY A 397 -12.18 12.01 -37.10
CA GLY A 397 -11.25 12.37 -38.17
C GLY A 397 -9.84 11.88 -37.86
N TYR A 398 -8.88 12.37 -38.66
CA TYR A 398 -7.45 12.11 -38.43
C TYR A 398 -6.86 13.17 -37.50
N ILE A 399 -5.93 12.73 -36.64
CA ILE A 399 -5.47 13.49 -35.49
C ILE A 399 -3.96 13.59 -35.52
N GLU A 400 -3.43 14.76 -35.13
CA GLU A 400 -2.00 14.93 -34.87
C GLU A 400 -1.56 14.12 -33.65
N TYR A 401 -0.86 13.01 -33.88
CA TYR A 401 -0.53 12.11 -32.76
C TYR A 401 0.44 12.69 -31.75
N SER A 402 1.34 13.55 -32.19
CA SER A 402 2.32 14.11 -31.26
C SER A 402 1.60 14.91 -30.17
N GLU A 403 0.53 15.61 -30.52
CA GLU A 403 -0.25 16.37 -29.55
C GLU A 403 -1.04 15.45 -28.59
N PHE A 404 -1.57 14.35 -29.13
CA PHE A 404 -2.21 13.32 -28.30
C PHE A 404 -1.26 12.75 -27.24
N VAL A 405 0.00 12.54 -27.61
CA VAL A 405 1.00 11.99 -26.68
C VAL A 405 1.25 12.99 -25.53
N THR A 406 1.49 14.25 -25.89
CA THR A 406 1.68 15.34 -24.92
C THR A 406 0.55 15.40 -23.90
N VAL A 407 -0.68 15.39 -24.38
CA VAL A 407 -1.83 15.51 -23.49
C VAL A 407 -2.00 14.27 -22.62
N ALA A 408 -1.91 13.09 -23.22
CA ALA A 408 -2.08 11.84 -22.45
C ALA A 408 -1.06 11.75 -21.32
N MET A 409 0.15 12.24 -21.57
CA MET A 409 1.21 12.21 -20.56
C MET A 409 1.16 13.42 -19.60
N ASP A 410 0.88 14.63 -20.12
CA ASP A 410 0.67 15.81 -19.24
C ASP A 410 -0.45 15.58 -18.21
N ARG A 411 -1.55 14.97 -18.67
CA ARG A 411 -2.62 14.48 -17.77
C ARG A 411 -2.10 13.62 -16.61
N LYS A 412 -1.22 12.68 -16.92
CA LYS A 412 -0.67 11.80 -15.88
C LYS A 412 0.24 12.58 -14.92
N THR A 413 1.08 13.45 -15.49
CA THR A 413 2.02 14.27 -14.73
C THR A 413 1.28 15.24 -13.79
N LEU A 414 0.24 15.87 -14.30
CA LEU A 414 -0.60 16.75 -13.49
C LEU A 414 -1.17 15.94 -12.33
N LEU A 415 -1.76 14.79 -12.66
CA LEU A 415 -2.41 13.93 -11.65
C LEU A 415 -1.44 13.50 -10.57
N SER A 416 -0.21 13.15 -10.98
CA SER A 416 0.84 12.78 -10.03
C SER A 416 1.25 13.95 -9.16
N ARG A 417 1.35 15.13 -9.75
CA ARG A 417 1.74 16.33 -9.02
C ARG A 417 0.70 16.69 -7.96
N GLU A 418 -0.58 16.55 -8.31
CA GLU A 418 -1.69 16.79 -7.38
C GLU A 418 -1.68 15.77 -6.24
N ARG A 419 -1.43 14.51 -6.59
CA ARG A 419 -1.33 13.43 -5.60
C ARG A 419 -0.30 13.74 -4.51
N LEU A 420 0.88 14.20 -4.95
CA LEU A 420 1.97 14.57 -4.03
C LEU A 420 1.62 15.78 -3.16
N GLU A 421 1.00 16.77 -3.78
CA GLU A 421 0.67 18.01 -3.10
C GLU A 421 -0.27 17.75 -1.92
N ARG A 422 -1.32 16.95 -2.16
CA ARG A 422 -2.27 16.62 -1.10
C ARG A 422 -1.56 15.99 0.08
N ALA A 423 -0.58 15.14 -0.21
CA ALA A 423 0.16 14.49 0.87
C ALA A 423 1.07 15.48 1.62
N PHE A 424 1.66 16.44 0.91
CA PHE A 424 2.44 17.54 1.55
C PHE A 424 1.55 18.36 2.49
N ARG A 425 0.39 18.78 2.00
CA ARG A 425 -0.57 19.53 2.83
C ARG A 425 -1.03 18.75 4.04
N MET A 426 -1.35 17.47 3.85
CA MET A 426 -1.70 16.60 4.97
C MET A 426 -0.60 16.57 6.05
N PHE A 427 0.66 16.47 5.64
CA PHE A 427 1.79 16.39 6.57
C PHE A 427 2.02 17.70 7.32
N ASP A 428 1.82 18.80 6.62
CA ASP A 428 2.05 20.11 7.19
C ASP A 428 0.80 20.47 8.03
N SER A 429 0.63 19.80 9.19
CA SER A 429 -0.59 19.94 9.99
C SER A 429 -0.77 21.33 10.63
N ASP A 430 0.32 22.06 10.83
CA ASP A 430 0.27 23.47 11.27
C ASP A 430 -0.03 24.50 10.15
N ASN A 431 -0.23 24.04 8.91
CA ASN A 431 -0.42 24.94 7.76
C ASN A 431 0.67 26.02 7.66
N SER A 432 1.91 25.64 7.97
CA SER A 432 3.07 26.56 7.89
C SER A 432 3.44 26.80 6.43
N GLY A 433 3.10 25.83 5.59
CA GLY A 433 3.48 25.86 4.19
C GLY A 433 4.87 25.29 3.95
N LYS A 434 5.58 24.85 5.00
CA LYS A 434 6.99 24.49 4.94
C LYS A 434 7.22 23.15 5.63
N ILE A 435 8.26 22.43 5.20
CA ILE A 435 8.79 21.26 5.91
C ILE A 435 10.21 21.61 6.35
N SER A 436 10.51 21.45 7.62
CA SER A 436 11.83 21.77 8.14
C SER A 436 12.88 20.73 7.77
N SER A 437 14.14 21.09 7.97
CA SER A 437 15.26 20.20 7.67
C SER A 437 15.20 18.94 8.53
N THR A 438 14.78 19.07 9.78
CA THR A 438 14.62 17.90 10.66
C THR A 438 13.56 16.95 10.14
N GLU A 439 12.46 17.53 9.66
CA GLU A 439 11.35 16.77 9.14
C GLU A 439 11.76 16.06 7.85
N LEU A 440 12.48 16.76 6.97
CA LEU A 440 13.08 16.14 5.79
C LEU A 440 13.94 14.94 6.16
N ALA A 441 14.77 15.08 7.18
CA ALA A 441 15.61 13.97 7.62
C ALA A 441 14.76 12.75 7.94
N THR A 442 13.63 12.97 8.61
CA THR A 442 12.76 11.87 9.00
C THR A 442 12.07 11.25 7.78
N ILE A 443 11.50 12.10 6.93
CA ILE A 443 10.85 11.63 5.69
C ILE A 443 11.80 10.83 4.80
N PHE A 444 12.97 11.40 4.51
CA PHE A 444 13.92 10.72 3.63
C PHE A 444 14.51 9.48 4.27
N GLY A 445 14.62 9.46 5.59
CA GLY A 445 15.03 8.24 6.29
C GLY A 445 14.01 7.14 6.09
N VAL A 446 12.74 7.44 6.27
CA VAL A 446 11.66 6.48 6.03
C VAL A 446 11.65 6.00 4.58
N SER A 447 11.94 6.92 3.66
CA SER A 447 12.01 6.66 2.23
C SER A 447 13.30 6.01 1.82
N ASP A 448 14.21 5.82 2.78
CA ASP A 448 15.52 5.22 2.58
C ASP A 448 16.36 5.93 1.51
N VAL A 449 16.18 7.23 1.40
CA VAL A 449 17.03 8.05 0.55
C VAL A 449 18.20 8.49 1.40
N ASP A 450 19.39 8.15 0.92
CA ASP A 450 20.65 8.38 1.58
C ASP A 450 20.81 9.82 2.12
N SER A 451 21.35 9.91 3.34
CA SER A 451 21.42 11.19 4.03
C SER A 451 22.28 12.25 3.33
N GLU A 452 23.49 11.90 2.90
CA GLU A 452 24.31 12.90 2.20
C GLU A 452 23.73 13.21 0.81
N THR A 453 22.88 12.33 0.28
CA THR A 453 22.34 12.50 -1.07
C THR A 453 21.20 13.53 -1.03
N TRP A 454 20.27 13.41 -0.09
CA TRP A 454 19.19 14.39 -0.06
C TRP A 454 19.69 15.72 0.41
N LYS A 455 20.64 15.74 1.36
CA LYS A 455 21.28 16.98 1.80
C LYS A 455 21.95 17.69 0.64
N SER A 456 22.63 16.92 -0.22
CA SER A 456 23.25 17.43 -1.44
C SER A 456 22.25 18.09 -2.40
N VAL A 457 21.11 17.45 -2.59
CA VAL A 457 20.03 17.98 -3.44
C VAL A 457 19.34 19.18 -2.78
N LEU A 458 19.22 19.17 -1.45
CA LEU A 458 18.68 20.32 -0.70
C LEU A 458 19.59 21.53 -0.84
N SER A 459 20.90 21.29 -0.95
CA SER A 459 21.89 22.38 -1.18
C SER A 459 21.75 23.07 -2.53
N GLU A 460 21.39 22.32 -3.56
CA GLU A 460 21.19 22.89 -4.88
C GLU A 460 19.83 23.59 -5.01
N VAL A 461 18.89 23.27 -4.12
CA VAL A 461 17.56 23.89 -4.13
C VAL A 461 17.50 25.03 -3.10
N ASP A 462 17.96 24.76 -1.87
CA ASP A 462 18.03 25.76 -0.79
C ASP A 462 19.41 26.46 -0.80
N LYS A 463 19.49 27.60 -1.47
CA LYS A 463 20.73 28.41 -1.48
C LYS A 463 20.70 29.56 -0.47
N ASN A 464 19.69 29.56 0.40
CA ASN A 464 19.57 30.54 1.47
C ASN A 464 19.79 29.88 2.83
N ASP A 466 18.73 28.18 4.82
CA ASP A 466 17.34 28.43 5.17
C ASP A 466 16.73 27.35 6.07
N GLY A 467 17.08 26.10 5.81
CA GLY A 467 16.65 24.99 6.66
C GLY A 467 15.19 24.58 6.60
N GLU A 468 14.50 24.96 5.53
CA GLU A 468 13.11 24.55 5.32
C GLU A 468 12.76 24.70 3.84
N VAL A 469 11.75 23.93 3.40
CA VAL A 469 11.31 23.95 2.00
C VAL A 469 9.81 24.07 1.93
N ASP A 470 9.33 24.80 0.92
CA ASP A 470 7.90 24.83 0.61
C ASP A 470 7.61 23.69 -0.36
N PHE A 471 6.36 23.58 -0.81
CA PHE A 471 6.00 22.47 -1.67
C PHE A 471 6.75 22.44 -2.99
N ASP A 472 6.88 23.57 -3.66
CA ASP A 472 7.54 23.60 -4.97
C ASP A 472 8.99 23.11 -4.84
N GLU A 473 9.66 23.60 -3.80
CA GLU A 473 11.05 23.20 -3.51
C GLU A 473 11.17 21.71 -3.18
N PHE A 474 10.25 21.20 -2.38
CA PHE A 474 10.23 19.77 -2.06
C PHE A 474 10.07 18.95 -3.33
N GLN A 475 9.11 19.34 -4.17
CA GLN A 475 8.92 18.69 -5.47
C GLN A 475 10.16 18.73 -6.34
N GLN A 476 10.85 19.89 -6.40
CA GLN A 476 12.12 20.00 -7.14
C GLN A 476 13.16 19.02 -6.61
N MET A 477 13.24 18.86 -5.29
CA MET A 477 14.20 17.90 -4.70
C MET A 477 13.90 16.49 -5.17
N LEU A 478 12.63 16.12 -5.17
CA LEU A 478 12.23 14.80 -5.65
C LEU A 478 12.57 14.58 -7.13
N LEU A 479 12.39 15.61 -7.96
CA LEU A 479 12.78 15.51 -9.37
C LEU A 479 14.28 15.28 -9.51
N LYS A 480 15.08 15.93 -8.67
CA LYS A 480 16.53 15.74 -8.66
C LYS A 480 16.97 14.37 -8.12
N LEU A 481 16.15 13.77 -7.29
CA LEU A 481 16.38 12.43 -6.78
C LEU A 481 15.89 11.32 -7.71
N CYS A 482 15.28 11.67 -8.84
CA CYS A 482 14.99 10.68 -9.85
C CYS A 482 15.57 11.11 -11.21
N GLY A 483 16.78 11.68 -11.12
CA GLY A 483 17.63 11.99 -12.27
C GLY A 483 17.13 13.12 -13.14
N ASN A 484 16.24 13.96 -12.60
CA ASN A 484 15.71 15.11 -13.32
C ASN A 484 16.08 16.42 -12.63
CAA I76 B . -5.83 -0.83 -2.31
CBE I76 B . -6.87 -1.00 -1.22
CAB I76 B . -6.26 -0.72 0.17
NBF I76 B . -7.44 -2.37 -1.23
NAS I76 B . -6.83 -3.42 -1.45
C4 I76 B . -8.73 -2.59 -0.97
N3 I76 B . -9.74 -1.75 -0.68
C2 I76 B . -10.95 -2.24 -0.46
N1 I76 B . -11.21 -3.54 -0.52
C6 I76 B . -10.23 -4.43 -0.81
NAC I76 B . -10.56 -5.73 -0.85
C5 I76 B . -8.93 -3.97 -1.05
CAZ I76 B . -7.66 -4.48 -1.40
CAY I76 B . -7.33 -5.84 -1.56
CAO I76 B . -8.00 -6.70 -2.41
CAI I76 B . -6.20 -6.35 -0.86
CAK I76 B . -5.84 -7.69 -0.99
CBA I76 B . -6.54 -8.56 -1.81
CAN I76 B . -6.17 -9.88 -1.92
CBB I76 B . -7.63 -8.04 -2.54
CAJ I76 B . -8.34 -8.89 -3.37
CAH I76 B . -7.96 -10.22 -3.48
CAW I76 B . -6.87 -10.73 -2.76
OAT I76 B . -6.58 -12.05 -2.93
CAP I76 B . -5.72 -12.80 -2.03
CAV I76 B . -5.30 -14.06 -2.49
CAM I76 B . -4.27 -14.78 -1.86
CAU I76 B . -3.88 -16.00 -2.38
CLD I76 B . -2.63 -16.88 -1.59
CAF I76 B . -4.45 -16.53 -3.53
CAE I76 B . -5.46 -15.80 -4.18
CAG I76 B . -5.85 -14.60 -3.66
#